data_6MIK
#
_entry.id   6MIK
#
_cell.length_a   55.152
_cell.length_b   145.849
_cell.length_c   46.849
_cell.angle_alpha   90.000
_cell.angle_beta   90.000
_cell.angle_gamma   90.000
#
_symmetry.space_group_name_H-M   'P 21 21 2'
#
loop_
_entity.id
_entity.type
_entity.pdbx_description
1 polymer 'N-terminal fragment of MMLV reverse transcriptase'
2 polymer "DNA (5'-D(*CP*TP*TP*AP*TP*(1WA)P*(1WA)P*(DS))-3')"
3 polymer "DNA (5'-D(P*(DB)P*(1W5)P*(1W5)P*AP*TP*AP*AP*G)-3')"
4 water water
#
loop_
_entity_poly.entity_id
_entity_poly.type
_entity_poly.pdbx_seq_one_letter_code
_entity_poly.pdbx_strand_id
1 'polypeptide(L)'
;GSHMTWLSDFPQAWAETGGMGLAVRQAPLIIPLKATSTPVSIKQYPMSQEARLGIKPHIQRLLDQGILVPCQSPWNTPLL
PVKKPGTNDYRPVQDLREVNKRVEDIHPTVPNPYNLLSGLPPSHQWYTVLDLKDAFFCLRLHPTSQPLFAFEWRDPEMGI
SGQLTWTRLPQGFKNSPTLFDEALHRDLADFRIQHPDLILLQYVDDLLLAATSELDCQQGTRALLQTLGNLGYRASAKKA
QICQKQVKYLGYLLKEGQR
;
A
2 'polydeoxyribonucleotide' (DC)(DT)(DT)(DA)(DT)(1WA)(1WA)(JSP) B
3 'polydeoxyribonucleotide' (IGU)(1W5)(1W5)(DA)(DT)(DA)(DA)(DG) G
#
# COMPACT_ATOMS: atom_id res chain seq x y z
N THR A 5 -17.83 -13.60 14.70
CA THR A 5 -17.54 -12.22 14.33
C THR A 5 -17.03 -12.12 12.90
N TRP A 6 -16.98 -10.87 12.41
CA TRP A 6 -16.27 -10.61 11.16
C TRP A 6 -14.82 -11.04 11.25
N LEU A 7 -14.22 -10.91 12.43
CA LEU A 7 -12.83 -11.30 12.60
C LEU A 7 -12.65 -12.80 12.39
N SER A 8 -13.45 -13.61 13.09
CA SER A 8 -13.27 -15.06 13.02
C SER A 8 -13.67 -15.61 11.66
N ASP A 9 -14.67 -15.01 11.01
CA ASP A 9 -15.18 -15.54 9.75
C ASP A 9 -14.24 -15.35 8.57
N PHE A 10 -13.31 -14.40 8.64
CA PHE A 10 -12.44 -14.10 7.50
C PHE A 10 -11.00 -13.91 7.98
N PRO A 11 -10.37 -14.98 8.46
CA PRO A 11 -9.03 -14.84 9.05
C PRO A 11 -7.99 -14.35 8.06
N GLN A 12 -8.11 -14.76 6.80
CA GLN A 12 -7.11 -14.41 5.80
C GLN A 12 -7.21 -12.95 5.37
N ALA A 13 -8.40 -12.34 5.46
CA ALA A 13 -8.61 -10.99 4.95
C ALA A 13 -8.09 -9.88 5.85
N TRP A 14 -7.95 -10.13 7.15
CA TRP A 14 -7.58 -9.10 8.11
C TRP A 14 -6.08 -9.08 8.35
N ALA A 15 -5.51 -7.87 8.38
CA ALA A 15 -4.09 -7.75 8.67
C ALA A 15 -3.77 -8.32 10.06
N GLU A 16 -4.74 -8.26 10.97
CA GLU A 16 -4.52 -8.73 12.34
C GLU A 16 -4.25 -10.22 12.40
N THR A 17 -4.84 -10.99 11.47
CA THR A 17 -4.77 -12.44 11.55
C THR A 17 -4.26 -13.13 10.28
N GLY A 18 -4.03 -12.41 9.20
CA GLY A 18 -3.72 -13.10 7.95
C GLY A 18 -2.26 -13.07 7.54
N GLY A 19 -1.42 -12.38 8.32
CA GLY A 19 -0.05 -12.16 7.93
C GLY A 19 0.09 -11.02 6.95
N MET A 20 1.34 -10.65 6.69
CA MET A 20 1.63 -9.62 5.70
C MET A 20 1.12 -10.06 4.33
N GLY A 21 0.53 -9.12 3.61
CA GLY A 21 -0.01 -9.44 2.30
C GLY A 21 1.04 -9.62 1.22
N LEU A 22 0.55 -10.08 0.06
CA LEU A 22 1.32 -10.31 -1.14
C LEU A 22 0.29 -10.56 -2.22
N ALA A 23 0.23 -9.68 -3.23
CA ALA A 23 -0.75 -9.75 -4.32
C ALA A 23 -0.29 -10.81 -5.31
N VAL A 24 -0.81 -12.03 -5.13
CA VAL A 24 -0.24 -13.20 -5.82
C VAL A 24 -0.58 -13.22 -7.31
N ARG A 25 -1.62 -12.50 -7.73
CA ARG A 25 -1.99 -12.50 -9.14
C ARG A 25 -1.25 -11.43 -9.93
N GLN A 26 -0.49 -10.57 -9.27
CA GLN A 26 0.11 -9.41 -9.93
C GLN A 26 1.56 -9.69 -10.24
N ALA A 27 1.94 -9.55 -11.51
CA ALA A 27 3.33 -9.75 -11.88
C ALA A 27 4.22 -8.73 -11.18
N PRO A 28 5.43 -9.12 -10.77
CA PRO A 28 6.39 -8.15 -10.22
C PRO A 28 6.56 -6.97 -11.16
N LEU A 29 6.57 -5.77 -10.58
CA LEU A 29 6.51 -4.54 -11.35
C LEU A 29 7.89 -4.15 -11.85
N ILE A 30 7.98 -3.80 -13.15
CA ILE A 30 9.18 -3.24 -13.74
C ILE A 30 8.97 -1.73 -13.82
N ILE A 31 9.98 -0.98 -13.39
CA ILE A 31 9.88 0.48 -13.29
C ILE A 31 10.72 1.11 -14.39
N PRO A 32 10.13 1.59 -15.49
CA PRO A 32 10.96 2.15 -16.56
C PRO A 32 11.58 3.48 -16.18
N LEU A 33 12.85 3.65 -16.55
CA LEU A 33 13.57 4.90 -16.34
C LEU A 33 13.37 5.83 -17.54
N LYS A 34 13.54 7.12 -17.27
CA LYS A 34 13.62 8.09 -18.37
C LYS A 34 14.77 7.74 -19.30
N ALA A 35 14.66 8.19 -20.55
CA ALA A 35 15.57 7.72 -21.59
C ALA A 35 17.01 8.09 -21.32
N THR A 36 17.26 9.19 -20.60
CA THR A 36 18.63 9.64 -20.34
C THR A 36 19.15 9.33 -18.95
N SER A 37 18.38 8.66 -18.09
CA SER A 37 18.80 8.53 -16.70
C SER A 37 20.01 7.61 -16.52
N THR A 38 20.86 7.93 -15.55
CA THR A 38 21.89 7.04 -15.02
C THR A 38 21.74 7.00 -13.50
N PRO A 39 22.34 6.01 -12.83
CA PRO A 39 22.14 5.89 -11.38
C PRO A 39 22.72 7.08 -10.64
N VAL A 40 22.10 7.40 -9.51
CA VAL A 40 22.56 8.44 -8.61
C VAL A 40 22.81 7.76 -7.27
N SER A 41 23.95 8.07 -6.65
CA SER A 41 24.33 7.49 -5.37
C SER A 41 24.60 8.64 -4.42
N ILE A 42 23.69 8.85 -3.48
CA ILE A 42 23.80 9.91 -2.49
C ILE A 42 24.25 9.28 -1.18
N LYS A 43 25.32 9.81 -0.58
CA LYS A 43 25.82 9.17 0.63
C LYS A 43 24.85 9.40 1.78
N GLN A 44 24.79 8.41 2.67
CA GLN A 44 23.90 8.48 3.82
C GLN A 44 24.45 9.51 4.82
N TYR A 45 23.64 10.50 5.16
CA TYR A 45 24.02 11.44 6.19
C TYR A 45 24.11 10.73 7.53
N PRO A 46 25.11 11.05 8.35
CA PRO A 46 25.25 10.38 9.65
C PRO A 46 23.95 10.47 10.44
N MET A 47 23.65 9.37 11.12
CA MET A 47 22.44 9.26 11.91
C MET A 47 22.85 9.09 13.37
N SER A 48 22.16 9.78 14.27
CA SER A 48 22.43 9.64 15.69
C SER A 48 22.13 8.22 16.16
N GLN A 49 22.76 7.81 17.25
CA GLN A 49 22.43 6.50 17.80
C GLN A 49 20.97 6.40 18.19
N GLU A 50 20.42 7.47 18.75
CA GLU A 50 19.00 7.44 19.15
C GLU A 50 18.12 7.13 17.96
N ALA A 51 18.39 7.79 16.83
CA ALA A 51 17.58 7.55 15.64
C ALA A 51 17.81 6.14 15.08
N ARG A 52 19.07 5.70 15.03
CA ARG A 52 19.39 4.35 14.57
C ARG A 52 18.69 3.29 15.42
N LEU A 53 18.75 3.43 16.75
CA LEU A 53 18.04 2.47 17.59
C LEU A 53 16.54 2.54 17.39
N GLY A 54 16.01 3.73 17.12
CA GLY A 54 14.59 3.86 16.87
C GLY A 54 14.17 3.14 15.60
N ILE A 55 14.98 3.26 14.55
CA ILE A 55 14.66 2.70 13.24
C ILE A 55 14.90 1.20 13.19
N LYS A 56 15.88 0.74 13.97
CA LYS A 56 16.40 -0.62 13.83
C LYS A 56 15.34 -1.73 13.89
N PRO A 57 14.39 -1.75 14.82
CA PRO A 57 13.44 -2.88 14.84
C PRO A 57 12.53 -2.89 13.63
N HIS A 58 12.27 -1.73 13.02
CA HIS A 58 11.49 -1.69 11.78
C HIS A 58 12.27 -2.33 10.63
N ILE A 59 13.55 -1.99 10.48
CA ILE A 59 14.38 -2.60 9.46
C ILE A 59 14.45 -4.11 9.65
N GLN A 60 14.64 -4.55 10.90
CA GLN A 60 14.75 -5.98 11.17
C GLN A 60 13.46 -6.72 10.81
N ARG A 61 12.31 -6.14 11.14
CA ARG A 61 11.05 -6.79 10.80
C ARG A 61 10.90 -6.92 9.29
N LEU A 62 11.26 -5.85 8.57
CA LEU A 62 11.12 -5.87 7.11
C LEU A 62 12.08 -6.87 6.49
N LEU A 63 13.30 -6.98 7.04
CA LEU A 63 14.22 -8.04 6.63
C LEU A 63 13.62 -9.41 6.89
N ASP A 64 13.06 -9.60 8.09
CA ASP A 64 12.47 -10.89 8.44
C ASP A 64 11.31 -11.24 7.50
N GLN A 65 10.56 -10.22 7.07
CA GLN A 65 9.44 -10.43 6.16
C GLN A 65 9.87 -10.56 4.71
N GLY A 66 11.16 -10.38 4.40
CA GLY A 66 11.62 -10.44 3.04
C GLY A 66 11.31 -9.21 2.22
N ILE A 67 10.80 -8.16 2.88
CA ILE A 67 10.45 -6.93 2.18
C ILE A 67 11.69 -6.10 1.92
N LEU A 68 12.68 -6.18 2.80
CA LEU A 68 14.02 -5.68 2.54
C LEU A 68 14.97 -6.84 2.33
N VAL A 69 15.93 -6.67 1.43
CA VAL A 69 17.00 -7.64 1.21
C VAL A 69 18.33 -6.91 1.05
N PRO A 70 19.42 -7.56 1.42
CA PRO A 70 20.74 -6.98 1.10
C PRO A 70 20.93 -6.86 -0.40
N CYS A 71 21.75 -5.88 -0.79
CA CYS A 71 22.11 -5.73 -2.20
C CYS A 71 23.37 -4.90 -2.30
N GLN A 72 23.93 -4.88 -3.51
CA GLN A 72 24.95 -3.93 -3.92
C GLN A 72 24.41 -3.21 -5.14
N SER A 73 24.23 -1.89 -5.03
CA SER A 73 23.57 -1.16 -6.10
C SER A 73 24.30 0.15 -6.40
N PRO A 74 24.37 0.55 -7.67
CA PRO A 74 24.93 1.86 -8.00
C PRO A 74 23.98 3.00 -7.67
N TRP A 75 22.74 2.69 -7.26
CA TRP A 75 21.80 3.66 -6.76
C TRP A 75 21.88 3.68 -5.25
N ASN A 76 21.72 4.88 -4.68
CA ASN A 76 21.61 5.00 -3.23
C ASN A 76 20.92 6.31 -2.89
N THR A 77 19.92 6.24 -2.00
CA THR A 77 19.27 7.44 -1.50
C THR A 77 19.26 7.39 0.02
N PRO A 78 19.18 8.54 0.67
CA PRO A 78 19.31 8.57 2.13
C PRO A 78 18.04 8.18 2.86
N LEU A 79 18.26 7.56 4.00
N LEU A 79 18.25 7.66 4.07
CA LEU A 79 17.21 7.22 4.94
CA LEU A 79 17.23 7.65 5.11
C LEU A 79 17.23 8.27 6.03
C LEU A 79 17.29 8.95 5.89
N LEU A 80 16.06 8.81 6.37
N LEU A 80 16.14 9.43 6.33
CA LEU A 80 16.03 9.77 7.45
CA LEU A 80 16.11 10.65 7.13
C LEU A 80 15.10 9.30 8.57
C LEU A 80 16.72 10.39 8.50
N PRO A 81 15.40 9.69 9.79
N PRO A 81 17.57 11.30 9.01
CA PRO A 81 14.52 9.33 10.90
CA PRO A 81 18.27 11.04 10.27
C PRO A 81 13.48 10.39 11.14
C PRO A 81 17.48 11.44 11.51
N VAL A 82 12.23 9.98 11.29
N VAL A 82 16.33 12.10 11.36
CA VAL A 82 11.14 10.92 11.53
CA VAL A 82 15.55 12.54 12.50
C VAL A 82 10.40 10.51 12.79
C VAL A 82 14.28 11.69 12.59
N TYR A 90 10.20 6.96 16.31
CA TYR A 90 11.00 7.01 15.09
C TYR A 90 10.49 6.04 14.04
N ARG A 91 10.47 6.49 12.79
CA ARG A 91 10.07 5.71 11.63
C ARG A 91 11.02 6.04 10.49
N PRO A 92 11.45 5.03 9.72
CA PRO A 92 12.41 5.32 8.63
C PRO A 92 11.66 5.87 7.42
N VAL A 93 12.15 6.99 6.90
CA VAL A 93 11.59 7.64 5.71
C VAL A 93 12.71 7.82 4.71
N GLN A 94 12.55 7.25 3.52
CA GLN A 94 13.58 7.36 2.50
C GLN A 94 13.32 8.57 1.61
N ASP A 95 14.38 9.34 1.33
CA ASP A 95 14.25 10.48 0.41
C ASP A 95 14.52 9.99 -1.02
N LEU A 96 13.44 9.63 -1.72
CA LEU A 96 13.51 9.09 -3.06
C LEU A 96 13.39 10.16 -4.14
N ARG A 97 13.56 11.44 -3.79
CA ARG A 97 13.31 12.49 -4.78
C ARG A 97 14.24 12.37 -5.99
N GLU A 98 15.52 12.03 -5.77
CA GLU A 98 16.44 11.92 -6.90
C GLU A 98 16.15 10.68 -7.74
N VAL A 99 15.61 9.63 -7.14
CA VAL A 99 15.12 8.49 -7.93
C VAL A 99 13.88 8.89 -8.72
N ASN A 100 12.93 9.55 -8.07
CA ASN A 100 11.70 9.96 -8.74
C ASN A 100 12.00 10.79 -9.98
N LYS A 101 13.00 11.67 -9.90
CA LYS A 101 13.35 12.51 -11.06
C LYS A 101 13.79 11.70 -12.25
N ARG A 102 14.32 10.51 -12.02
CA ARG A 102 14.93 9.71 -13.09
C ARG A 102 14.01 8.62 -13.62
N VAL A 103 12.82 8.47 -13.03
CA VAL A 103 11.86 7.45 -13.40
C VAL A 103 10.85 8.06 -14.38
N GLU A 104 10.56 7.34 -15.46
CA GLU A 104 9.62 7.82 -16.47
C GLU A 104 8.25 8.10 -15.85
N ASP A 105 7.65 9.22 -16.24
CA ASP A 105 6.34 9.56 -15.71
C ASP A 105 5.26 8.65 -16.26
N ILE A 106 4.22 8.40 -15.45
CA ILE A 106 3.02 7.73 -15.91
C ILE A 106 1.81 8.66 -15.74
N HIS A 107 0.78 8.42 -16.55
CA HIS A 107 -0.45 9.17 -16.44
C HIS A 107 -1.07 8.94 -15.07
N PRO A 108 -1.42 10.00 -14.33
CA PRO A 108 -2.05 9.79 -13.01
C PRO A 108 -3.52 9.42 -13.16
N THR A 109 -3.86 8.19 -12.76
CA THR A 109 -5.21 7.68 -12.95
C THR A 109 -6.01 7.57 -11.66
N VAL A 110 -5.44 7.89 -10.51
CA VAL A 110 -6.21 7.91 -9.26
C VAL A 110 -7.18 9.08 -9.33
N PRO A 111 -8.49 8.85 -9.22
CA PRO A 111 -9.45 9.95 -9.24
C PRO A 111 -9.35 10.79 -7.98
N ASN A 112 -9.64 12.08 -8.09
CA ASN A 112 -9.68 12.89 -6.87
C ASN A 112 -10.94 12.54 -6.08
N PRO A 113 -10.86 12.60 -4.74
CA PRO A 113 -11.98 12.16 -3.91
C PRO A 113 -13.32 12.79 -4.28
N TYR A 114 -13.33 14.09 -4.62
CA TYR A 114 -14.59 14.73 -4.99
C TYR A 114 -15.26 13.99 -6.14
N ASN A 115 -14.52 13.75 -7.22
CA ASN A 115 -15.10 13.06 -8.37
C ASN A 115 -15.44 11.62 -8.03
N LEU A 116 -14.56 10.92 -7.29
CA LEU A 116 -14.86 9.55 -6.90
C LEU A 116 -16.22 9.44 -6.22
N LEU A 117 -16.51 10.35 -5.30
CA LEU A 117 -17.75 10.22 -4.54
C LEU A 117 -18.99 10.57 -5.35
N SER A 118 -18.82 11.25 -6.48
CA SER A 118 -19.96 11.55 -7.34
C SER A 118 -20.66 10.29 -7.84
N GLY A 119 -19.97 9.15 -7.87
CA GLY A 119 -20.56 7.92 -8.34
C GLY A 119 -21.22 7.09 -7.25
N LEU A 120 -21.58 7.73 -6.14
CA LEU A 120 -22.29 7.08 -5.04
C LEU A 120 -23.75 7.48 -5.11
N PRO A 121 -24.65 6.65 -5.63
CA PRO A 121 -26.06 7.05 -5.80
C PRO A 121 -26.80 7.05 -4.47
N PRO A 122 -27.90 7.81 -4.38
CA PRO A 122 -28.67 7.84 -3.13
C PRO A 122 -29.37 6.52 -2.81
N SER A 123 -29.49 5.62 -3.78
CA SER A 123 -30.12 4.32 -3.55
C SER A 123 -29.28 3.39 -2.66
N HIS A 124 -28.00 3.70 -2.45
CA HIS A 124 -27.08 2.81 -1.73
C HIS A 124 -26.62 3.52 -0.47
N GLN A 125 -27.32 3.29 0.64
CA GLN A 125 -27.05 4.02 1.88
C GLN A 125 -26.53 3.14 3.00
N TRP A 126 -26.21 1.88 2.71
CA TRP A 126 -25.52 0.99 3.63
C TRP A 126 -24.07 0.85 3.18
N TYR A 127 -23.13 1.22 4.04
CA TYR A 127 -21.72 1.34 3.67
C TYR A 127 -20.85 0.38 4.47
N THR A 128 -19.83 -0.16 3.80
CA THR A 128 -18.68 -0.75 4.47
C THR A 128 -17.44 -0.01 4.00
N VAL A 129 -16.59 0.38 4.93
CA VAL A 129 -15.33 1.03 4.60
C VAL A 129 -14.20 0.15 5.07
N LEU A 130 -13.27 -0.16 4.16
CA LEU A 130 -12.11 -0.97 4.48
C LEU A 130 -10.86 -0.18 4.12
N ASP A 131 -9.81 -0.38 4.91
CA ASP A 131 -8.54 0.29 4.73
C ASP A 131 -7.48 -0.81 4.59
N LEU A 132 -6.85 -0.90 3.42
CA LEU A 132 -5.87 -1.96 3.23
C LEU A 132 -4.59 -1.60 3.95
N LYS A 133 -4.06 -2.56 4.71
CA LYS A 133 -2.85 -2.34 5.48
C LYS A 133 -1.62 -2.71 4.65
N ASP A 134 -0.61 -1.85 4.72
CA ASP A 134 0.67 -2.05 4.02
C ASP A 134 0.45 -2.36 2.55
N ALA A 135 -0.43 -1.55 1.92
CA ALA A 135 -0.90 -1.83 0.56
C ALA A 135 0.25 -1.92 -0.43
N PHE A 136 1.13 -0.91 -0.45
CA PHE A 136 2.19 -0.91 -1.46
C PHE A 136 3.06 -2.14 -1.31
N PHE A 137 3.35 -2.54 -0.07
CA PHE A 137 4.17 -3.71 0.16
C PHE A 137 3.52 -5.00 -0.37
N CYS A 138 2.22 -4.99 -0.67
CA CYS A 138 1.64 -6.19 -1.26
C CYS A 138 2.07 -6.39 -2.70
N LEU A 139 2.58 -5.37 -3.37
CA LEU A 139 2.96 -5.46 -4.78
C LEU A 139 4.46 -5.71 -4.88
N ARG A 140 4.83 -6.81 -5.53
CA ARG A 140 6.22 -7.14 -5.74
C ARG A 140 6.88 -6.23 -6.77
N LEU A 141 8.17 -5.99 -6.57
CA LEU A 141 9.03 -5.36 -7.59
C LEU A 141 9.82 -6.42 -8.34
N HIS A 142 9.90 -6.26 -9.65
CA HIS A 142 10.76 -7.14 -10.44
C HIS A 142 12.21 -7.00 -9.97
N PRO A 143 12.96 -8.09 -9.91
CA PRO A 143 14.37 -7.98 -9.50
C PRO A 143 15.19 -6.96 -10.28
N THR A 144 14.85 -6.72 -11.55
CA THR A 144 15.61 -5.73 -12.32
C THR A 144 15.41 -4.32 -11.80
N SER A 145 14.26 -4.06 -11.19
CA SER A 145 13.94 -2.73 -10.67
C SER A 145 14.27 -2.55 -9.18
N GLN A 146 14.51 -3.63 -8.44
CA GLN A 146 14.84 -3.47 -7.03
C GLN A 146 16.05 -2.58 -6.75
N PRO A 147 17.15 -2.67 -7.50
CA PRO A 147 18.34 -1.88 -7.12
C PRO A 147 18.10 -0.39 -7.15
N LEU A 148 17.08 0.07 -7.89
CA LEU A 148 16.73 1.49 -7.94
C LEU A 148 16.59 2.12 -6.56
N PHE A 149 16.06 1.34 -5.60
CA PHE A 149 15.55 1.90 -4.35
C PHE A 149 16.48 1.63 -3.16
N ALA A 150 17.76 1.36 -3.44
CA ALA A 150 18.71 0.94 -2.40
C ALA A 150 19.05 2.10 -1.46
N PHE A 151 19.35 1.73 -0.22
CA PHE A 151 19.82 2.68 0.77
C PHE A 151 20.83 1.95 1.65
N GLU A 152 21.59 2.74 2.43
CA GLU A 152 22.63 2.21 3.28
C GLU A 152 22.08 1.86 4.66
N TRP A 153 22.53 0.75 5.22
CA TRP A 153 22.13 0.41 6.58
C TRP A 153 23.36 0.02 7.37
N ARG A 154 23.63 0.77 8.44
CA ARG A 154 24.75 0.58 9.34
C ARG A 154 24.24 0.11 10.70
N ASP A 155 24.82 -0.98 11.21
CA ASP A 155 24.64 -1.39 12.60
C ASP A 155 26.06 -1.41 13.17
N PRO A 156 26.52 -0.29 13.74
CA PRO A 156 27.89 -0.26 14.28
C PRO A 156 28.12 -1.27 15.39
N GLU A 157 27.06 -1.73 16.05
CA GLU A 157 27.20 -2.81 17.04
C GLU A 157 27.47 -4.13 16.34
N MET A 158 26.54 -4.57 15.48
CA MET A 158 26.71 -5.83 14.75
C MET A 158 27.77 -5.74 13.66
N GLY A 159 28.19 -4.52 13.29
CA GLY A 159 29.25 -4.34 12.32
C GLY A 159 28.81 -4.26 10.87
N ILE A 160 27.54 -4.54 10.58
CA ILE A 160 27.10 -4.56 9.18
C ILE A 160 27.06 -3.13 8.63
N SER A 161 27.89 -2.87 7.62
CA SER A 161 27.69 -1.77 6.70
C SER A 161 27.51 -2.34 5.32
N GLY A 162 26.53 -1.80 4.59
CA GLY A 162 26.14 -2.37 3.31
C GLY A 162 24.79 -1.80 2.94
N GLN A 163 24.36 -2.14 1.72
CA GLN A 163 23.08 -1.63 1.25
C GLN A 163 21.97 -2.65 1.45
N LEU A 164 20.76 -2.12 1.60
CA LEU A 164 19.53 -2.90 1.50
C LEU A 164 18.66 -2.31 0.41
N THR A 165 17.74 -3.11 -0.13
CA THR A 165 16.73 -2.51 -0.97
C THR A 165 15.40 -3.24 -0.80
N TRP A 166 14.38 -2.68 -1.45
CA TRP A 166 13.00 -3.16 -1.33
C TRP A 166 12.70 -4.23 -2.38
N THR A 167 11.96 -5.27 -1.97
CA THR A 167 11.42 -6.24 -2.93
C THR A 167 9.97 -5.96 -3.28
N ARG A 168 9.40 -4.91 -2.71
CA ARG A 168 8.01 -4.52 -2.91
C ARG A 168 7.95 -3.03 -3.25
N LEU A 169 6.84 -2.61 -3.84
CA LEU A 169 6.60 -1.20 -4.16
C LEU A 169 6.83 -0.31 -2.93
N PRO A 170 7.74 0.66 -2.99
CA PRO A 170 8.13 1.34 -1.75
C PRO A 170 7.35 2.63 -1.48
N GLN A 171 7.28 2.98 -0.20
CA GLN A 171 6.84 4.31 0.18
C GLN A 171 7.78 5.37 -0.39
N GLY A 172 7.20 6.51 -0.75
CA GLY A 172 7.97 7.66 -1.21
C GLY A 172 8.29 7.65 -2.69
N PHE A 173 7.98 6.56 -3.38
CA PHE A 173 8.16 6.46 -4.82
C PHE A 173 6.96 7.10 -5.50
N LYS A 174 7.23 7.97 -6.49
CA LYS A 174 6.19 8.87 -6.98
C LYS A 174 5.06 8.11 -7.67
N ASN A 175 5.32 6.91 -8.20
CA ASN A 175 4.28 6.18 -8.91
C ASN A 175 3.58 5.12 -8.09
N SER A 176 3.90 4.99 -6.80
CA SER A 176 3.29 3.92 -6.01
C SER A 176 1.78 4.04 -5.90
N PRO A 177 1.20 5.22 -5.58
CA PRO A 177 -0.27 5.27 -5.47
C PRO A 177 -0.98 4.86 -6.74
N THR A 178 -0.51 5.34 -7.91
CA THR A 178 -1.16 5.02 -9.16
C THR A 178 -0.97 3.54 -9.52
N LEU A 179 0.25 3.02 -9.39
CA LEU A 179 0.47 1.61 -9.67
C LEU A 179 -0.37 0.71 -8.76
N PHE A 180 -0.50 1.06 -7.48
CA PHE A 180 -1.31 0.23 -6.59
C PHE A 180 -2.78 0.30 -6.98
N ASP A 181 -3.29 1.51 -7.24
CA ASP A 181 -4.69 1.68 -7.60
C ASP A 181 -5.02 0.90 -8.88
N GLU A 182 -4.12 0.94 -9.86
CA GLU A 182 -4.36 0.21 -11.10
C GLU A 182 -4.31 -1.30 -10.87
N ALA A 183 -3.35 -1.77 -10.06
CA ALA A 183 -3.26 -3.19 -9.76
C ALA A 183 -4.50 -3.71 -9.04
N LEU A 184 -4.99 -2.98 -8.04
CA LEU A 184 -6.18 -3.44 -7.32
C LEU A 184 -7.42 -3.40 -8.22
N HIS A 185 -7.50 -2.41 -9.11
CA HIS A 185 -8.58 -2.39 -10.08
C HIS A 185 -8.59 -3.65 -10.93
N ARG A 186 -7.42 -4.09 -11.39
CA ARG A 186 -7.35 -5.35 -12.15
C ARG A 186 -7.81 -6.52 -11.31
N ASP A 187 -7.37 -6.58 -10.04
CA ASP A 187 -7.69 -7.72 -9.20
C ASP A 187 -9.16 -7.75 -8.77
N LEU A 188 -9.83 -6.61 -8.74
CA LEU A 188 -11.23 -6.55 -8.31
C LEU A 188 -12.19 -6.46 -9.49
N ALA A 189 -11.69 -6.56 -10.71
CA ALA A 189 -12.56 -6.41 -11.87
C ALA A 189 -13.64 -7.49 -11.89
N ASP A 190 -13.25 -8.73 -11.58
CA ASP A 190 -14.23 -9.82 -11.56
C ASP A 190 -15.24 -9.64 -10.44
N PHE A 191 -14.80 -9.21 -9.26
CA PHE A 191 -15.74 -8.95 -8.17
C PHE A 191 -16.83 -7.98 -8.62
N ARG A 192 -16.45 -6.91 -9.32
CA ARG A 192 -17.43 -5.95 -9.80
C ARG A 192 -18.43 -6.62 -10.74
N ILE A 193 -17.95 -7.49 -11.63
CA ILE A 193 -18.84 -8.18 -12.57
C ILE A 193 -19.75 -9.15 -11.83
N GLN A 194 -19.24 -9.82 -10.80
CA GLN A 194 -20.04 -10.77 -10.03
C GLN A 194 -21.05 -10.09 -9.12
N HIS A 195 -20.92 -8.79 -8.89
CA HIS A 195 -21.78 -8.06 -7.95
C HIS A 195 -22.20 -6.75 -8.59
N PRO A 196 -23.05 -6.81 -9.63
CA PRO A 196 -23.42 -5.59 -10.35
C PRO A 196 -24.27 -4.63 -9.54
N ASP A 197 -24.94 -5.08 -8.49
CA ASP A 197 -25.78 -4.20 -7.70
C ASP A 197 -25.04 -3.49 -6.59
N LEU A 198 -23.76 -3.79 -6.38
CA LEU A 198 -22.95 -3.11 -5.38
C LEU A 198 -22.15 -1.98 -6.00
N ILE A 199 -21.92 -0.94 -5.21
CA ILE A 199 -21.05 0.16 -5.57
C ILE A 199 -19.74 -0.03 -4.83
N LEU A 200 -18.64 0.01 -5.56
CA LEU A 200 -17.30 -0.14 -5.00
C LEU A 200 -16.47 1.06 -5.44
N LEU A 201 -16.08 1.90 -4.49
CA LEU A 201 -15.19 3.03 -4.76
C LEU A 201 -13.80 2.67 -4.26
N GLN A 202 -12.79 2.85 -5.12
CA GLN A 202 -11.39 2.59 -4.75
C GLN A 202 -10.61 3.90 -4.78
N TYR A 203 -9.96 4.22 -3.67
CA TYR A 203 -9.01 5.32 -3.63
C TYR A 203 -7.71 4.76 -3.06
N VAL A 204 -6.85 4.24 -3.93
CA VAL A 204 -5.61 3.57 -3.54
C VAL A 204 -5.94 2.48 -2.51
N ASP A 205 -5.60 2.68 -1.23
CA ASP A 205 -5.85 1.63 -0.25
C ASP A 205 -7.15 1.83 0.55
N ASP A 206 -7.97 2.82 0.18
CA ASP A 206 -9.19 3.14 0.91
C ASP A 206 -10.40 2.76 0.07
N LEU A 207 -11.17 1.78 0.55
CA LEU A 207 -12.28 1.21 -0.20
C LEU A 207 -13.63 1.51 0.46
N LEU A 208 -14.62 1.83 -0.35
CA LEU A 208 -16.00 1.96 0.11
C LEU A 208 -16.89 1.02 -0.69
N LEU A 209 -17.63 0.18 0.01
CA LEU A 209 -18.64 -0.68 -0.60
C LEU A 209 -20.01 -0.17 -0.17
N ALA A 210 -20.90 0.03 -1.14
CA ALA A 210 -22.24 0.54 -0.86
C ALA A 210 -23.28 -0.42 -1.41
N ALA A 211 -24.35 -0.64 -0.62
CA ALA A 211 -25.43 -1.53 -1.00
C ALA A 211 -26.76 -0.88 -0.64
N THR A 212 -27.84 -1.46 -1.14
CA THR A 212 -29.17 -0.91 -0.92
C THR A 212 -29.79 -1.35 0.39
N SER A 213 -29.29 -2.43 1.00
CA SER A 213 -29.88 -2.97 2.21
C SER A 213 -28.77 -3.46 3.14
N GLU A 214 -29.10 -3.53 4.43
CA GLU A 214 -28.19 -4.11 5.41
C GLU A 214 -27.78 -5.51 5.00
N LEU A 215 -28.76 -6.33 4.60
CA LEU A 215 -28.46 -7.71 4.20
C LEU A 215 -27.50 -7.74 3.02
N ASP A 216 -27.78 -6.96 1.97
CA ASP A 216 -26.90 -6.94 0.80
C ASP A 216 -25.52 -6.42 1.17
N CYS A 217 -25.45 -5.42 2.05
CA CYS A 217 -24.15 -4.92 2.49
C CYS A 217 -23.39 -5.98 3.27
N GLN A 218 -24.11 -6.79 4.05
CA GLN A 218 -23.47 -7.87 4.79
C GLN A 218 -22.97 -8.95 3.85
N GLN A 219 -23.78 -9.33 2.87
CA GLN A 219 -23.37 -10.38 1.94
C GLN A 219 -22.28 -9.89 1.01
N GLY A 220 -22.37 -8.64 0.56
CA GLY A 220 -21.31 -8.08 -0.27
C GLY A 220 -20.00 -7.91 0.47
N THR A 221 -20.08 -7.45 1.72
CA THR A 221 -18.88 -7.30 2.53
C THR A 221 -18.22 -8.65 2.78
N ARG A 222 -19.02 -9.68 3.07
CA ARG A 222 -18.47 -11.03 3.16
C ARG A 222 -17.74 -11.40 1.87
N ALA A 223 -18.36 -11.17 0.73
CA ALA A 223 -17.74 -11.54 -0.53
C ALA A 223 -16.48 -10.73 -0.79
N LEU A 224 -16.50 -9.45 -0.45
CA LEU A 224 -15.33 -8.61 -0.71
C LEU A 224 -14.16 -9.00 0.18
N LEU A 225 -14.41 -9.27 1.46
CA LEU A 225 -13.33 -9.70 2.34
C LEU A 225 -12.76 -11.02 1.87
N GLN A 226 -13.62 -11.98 1.51
CA GLN A 226 -13.12 -13.26 1.01
C GLN A 226 -12.25 -13.04 -0.22
N THR A 227 -12.70 -12.18 -1.13
CA THR A 227 -11.94 -11.93 -2.36
C THR A 227 -10.61 -11.26 -2.05
N LEU A 228 -10.62 -10.18 -1.26
CA LEU A 228 -9.37 -9.48 -0.93
C LEU A 228 -8.35 -10.42 -0.30
N GLY A 229 -8.78 -11.20 0.70
CA GLY A 229 -7.84 -12.10 1.34
C GLY A 229 -7.29 -13.15 0.39
N ASN A 230 -8.15 -13.71 -0.46
CA ASN A 230 -7.71 -14.70 -1.43
CA ASN A 230 -7.71 -14.70 -1.43
C ASN A 230 -6.68 -14.11 -2.39
N LEU A 231 -6.87 -12.86 -2.79
CA LEU A 231 -5.95 -12.20 -3.70
C LEU A 231 -4.64 -11.80 -3.05
N GLY A 232 -4.59 -11.79 -1.72
CA GLY A 232 -3.37 -11.45 -1.02
C GLY A 232 -3.34 -10.09 -0.35
N TYR A 233 -4.44 -9.33 -0.36
CA TYR A 233 -4.52 -8.06 0.34
C TYR A 233 -5.03 -8.26 1.77
N ARG A 234 -4.82 -7.24 2.61
CA ARG A 234 -5.17 -7.34 4.02
C ARG A 234 -5.80 -6.04 4.47
N ALA A 235 -6.97 -6.13 5.09
CA ALA A 235 -7.68 -4.96 5.62
C ALA A 235 -7.47 -4.84 7.13
N SER A 236 -7.57 -3.60 7.63
CA SER A 236 -7.44 -3.31 9.05
C SER A 236 -8.74 -3.68 9.75
N ALA A 237 -8.71 -4.72 10.58
CA ALA A 237 -9.90 -5.05 11.35
C ALA A 237 -10.22 -3.95 12.37
N LYS A 238 -9.20 -3.27 12.87
CA LYS A 238 -9.41 -2.22 13.86
C LYS A 238 -10.18 -1.05 13.28
N LYS A 239 -9.81 -0.61 12.08
CA LYS A 239 -10.40 0.57 11.47
C LYS A 239 -11.70 0.30 10.72
N ALA A 240 -12.00 -0.96 10.42
CA ALA A 240 -13.12 -1.28 9.55
C ALA A 240 -14.43 -0.72 10.07
N GLN A 241 -15.22 -0.15 9.16
CA GLN A 241 -16.59 0.28 9.44
C GLN A 241 -17.51 -0.61 8.62
N ILE A 242 -18.19 -1.55 9.28
CA ILE A 242 -18.88 -2.63 8.59
C ILE A 242 -20.39 -2.42 8.69
N CYS A 243 -21.03 -2.30 7.53
CA CYS A 243 -22.49 -2.27 7.38
C CYS A 243 -23.12 -1.18 8.26
N GLN A 244 -22.69 0.05 8.02
CA GLN A 244 -23.19 1.19 8.76
C GLN A 244 -23.94 2.10 7.80
N LYS A 245 -24.88 2.87 8.34
CA LYS A 245 -25.50 3.93 7.56
C LYS A 245 -24.76 5.26 7.70
N GLN A 246 -23.78 5.33 8.59
CA GLN A 246 -22.87 6.47 8.68
C GLN A 246 -21.44 5.96 8.72
N VAL A 247 -20.59 6.47 7.83
CA VAL A 247 -19.18 6.10 7.81
C VAL A 247 -18.33 7.34 7.53
N LYS A 248 -17.09 7.28 7.99
CA LYS A 248 -16.05 8.22 7.57
C LYS A 248 -15.30 7.61 6.39
N TYR A 249 -15.28 8.31 5.26
CA TYR A 249 -14.56 7.84 4.07
C TYR A 249 -13.89 9.04 3.41
N LEU A 250 -12.56 8.97 3.26
CA LEU A 250 -11.78 9.99 2.57
C LEU A 250 -12.00 11.38 3.17
N GLY A 251 -12.15 11.43 4.48
CA GLY A 251 -12.33 12.70 5.17
C GLY A 251 -13.75 13.22 5.19
N TYR A 252 -14.66 12.61 4.45
CA TYR A 252 -16.07 12.99 4.49
C TYR A 252 -16.81 12.12 5.50
N LEU A 253 -17.86 12.69 6.07
CA LEU A 253 -18.83 11.89 6.80
C LEU A 253 -19.97 11.59 5.84
N LEU A 254 -20.17 10.30 5.54
CA LEU A 254 -21.25 9.87 4.66
C LEU A 254 -22.47 9.57 5.53
N LYS A 255 -23.50 10.40 5.41
CA LYS A 255 -24.68 10.36 6.27
C LYS A 255 -25.86 10.91 5.49
N GLU A 256 -26.97 10.16 5.47
CA GLU A 256 -28.20 10.63 4.84
C GLU A 256 -28.00 10.91 3.35
N GLY A 257 -27.13 10.12 2.69
CA GLY A 257 -26.73 10.44 1.34
C GLY A 257 -25.96 11.73 1.15
N GLN A 258 -25.61 12.42 2.23
CA GLN A 258 -24.96 13.72 2.15
C GLN A 258 -23.45 13.57 2.11
N ARG A 259 -22.81 14.53 1.42
CA ARG A 259 -21.37 14.62 1.26
C ARG A 259 -20.82 13.53 0.35
#